data_7ZRF
#
_entry.id   7ZRF
#
_entity_poly.entity_id   1
_entity_poly.type   'polypeptide(L)'
_entity_poly.pdbx_seq_one_letter_code
;TYHVDANDHDQSRKSQQY
;
_entity_poly.pdbx_strand_id   A
#
# COMPACT_ATOMS: atom_id res chain seq x y z
N THR A 1 7.79 3.93 -10.47
CA THR A 1 7.88 4.05 -9.02
C THR A 1 7.29 2.80 -8.36
N TYR A 2 8.02 2.17 -7.44
CA TYR A 2 7.53 0.96 -6.80
C TYR A 2 6.95 1.27 -5.42
N HIS A 3 5.75 0.79 -5.17
CA HIS A 3 5.13 0.97 -3.87
C HIS A 3 5.25 -0.32 -3.08
N VAL A 4 5.31 -0.22 -1.76
CA VAL A 4 5.48 -1.41 -0.94
C VAL A 4 4.22 -1.66 -0.08
N ASP A 5 3.44 -2.66 -0.47
CA ASP A 5 2.21 -2.99 0.21
C ASP A 5 2.43 -4.15 1.15
N ALA A 6 2.81 -3.87 2.37
CA ALA A 6 3.07 -4.92 3.35
C ALA A 6 1.90 -5.11 4.31
N ASN A 7 1.35 -4.00 4.83
CA ASN A 7 0.22 -4.08 5.76
C ASN A 7 -1.11 -3.75 5.08
N ASP A 8 -1.07 -2.97 4.00
CA ASP A 8 -2.29 -2.59 3.28
C ASP A 8 -2.68 -3.68 2.29
N HIS A 9 -3.73 -4.45 2.57
CA HIS A 9 -4.15 -5.49 1.64
C HIS A 9 -5.64 -5.84 1.75
N ASP A 10 -6.20 -5.73 2.94
CA ASP A 10 -7.62 -6.10 3.13
C ASP A 10 -8.43 -4.99 3.76
N GLN A 11 -7.77 -4.20 4.58
CA GLN A 11 -8.45 -3.13 5.31
C GLN A 11 -8.53 -1.86 4.48
N SER A 12 -7.55 -1.65 3.62
CA SER A 12 -7.53 -0.46 2.79
C SER A 12 -6.76 -0.72 1.51
N ARG A 13 -7.01 0.10 0.52
CA ARG A 13 -6.34 0.01 -0.77
C ARG A 13 -5.80 1.36 -1.17
N LYS A 14 -4.63 1.67 -0.65
CA LYS A 14 -3.94 2.90 -0.98
C LYS A 14 -2.46 2.73 -0.67
N SER A 15 -1.71 2.43 -1.69
CA SER A 15 -0.30 2.16 -1.53
C SER A 15 0.53 3.44 -1.53
N GLN A 16 1.57 3.47 -0.72
CA GLN A 16 2.47 4.60 -0.65
C GLN A 16 3.88 4.16 -0.33
N GLN A 17 4.76 5.11 -0.06
CA GLN A 17 6.14 4.81 0.27
C GLN A 17 6.74 6.01 0.99
N TYR A 18 7.19 5.81 2.21
CA TYR A 18 7.77 6.88 3.01
C TYR A 18 9.08 7.35 2.42
N THR A 1 8.02 4.08 -9.42
CA THR A 1 7.80 3.79 -8.00
C THR A 1 6.74 2.68 -7.86
N TYR A 2 7.17 1.50 -7.40
CA TYR A 2 6.22 0.37 -7.23
C TYR A 2 5.50 0.52 -5.90
N HIS A 3 4.16 0.44 -5.92
CA HIS A 3 3.38 0.58 -4.68
C HIS A 3 3.53 -0.66 -3.82
N VAL A 4 3.38 -0.50 -2.51
CA VAL A 4 3.56 -1.64 -1.60
C VAL A 4 2.48 -1.67 -0.52
N ASP A 5 1.81 -2.79 -0.41
CA ASP A 5 0.82 -3.00 0.61
C ASP A 5 1.38 -4.00 1.62
N ALA A 6 2.14 -3.51 2.58
CA ALA A 6 2.82 -4.42 3.52
C ALA A 6 2.01 -4.71 4.78
N ASN A 7 1.38 -3.69 5.37
CA ASN A 7 0.59 -3.91 6.57
C ASN A 7 -0.89 -3.93 6.25
N ASP A 8 -1.40 -2.88 5.64
CA ASP A 8 -2.76 -2.86 5.19
C ASP A 8 -2.81 -3.22 3.71
N HIS A 9 -3.64 -4.19 3.35
CA HIS A 9 -3.67 -4.64 1.97
C HIS A 9 -5.03 -5.20 1.58
N ASP A 10 -5.79 -5.65 2.56
CA ASP A 10 -7.11 -6.22 2.30
C ASP A 10 -8.21 -5.28 2.77
N GLN A 11 -7.96 -4.60 3.87
CA GLN A 11 -8.91 -3.65 4.41
C GLN A 11 -8.72 -2.31 3.75
N SER A 12 -7.50 -2.03 3.36
CA SER A 12 -7.14 -0.78 2.75
C SER A 12 -5.99 -1.04 1.78
N ARG A 13 -5.88 -0.21 0.77
CA ARG A 13 -4.77 -0.32 -0.18
C ARG A 13 -3.84 0.85 0.01
N LYS A 14 -2.56 0.60 -0.11
CA LYS A 14 -1.57 1.64 0.13
C LYS A 14 -0.62 1.80 -1.06
N SER A 15 -0.19 3.03 -1.28
CA SER A 15 0.75 3.34 -2.33
C SER A 15 1.56 4.56 -1.90
N GLN A 16 2.81 4.65 -2.35
CA GLN A 16 3.66 5.79 -2.01
C GLN A 16 3.27 6.99 -2.84
N GLN A 17 2.25 7.70 -2.39
CA GLN A 17 1.79 8.88 -3.09
C GLN A 17 1.09 9.81 -2.12
N TYR A 18 1.79 10.84 -1.70
CA TYR A 18 1.23 11.81 -0.78
C TYR A 18 1.04 13.13 -1.50
N THR A 1 6.77 5.54 -7.39
CA THR A 1 7.04 4.72 -8.58
C THR A 1 7.03 3.24 -8.21
N TYR A 2 7.95 2.82 -7.36
CA TYR A 2 8.03 1.42 -6.92
C TYR A 2 6.94 1.15 -5.88
N HIS A 3 6.19 0.06 -6.04
CA HIS A 3 5.08 -0.19 -5.13
C HIS A 3 5.46 -1.12 -3.98
N VAL A 4 4.86 -0.88 -2.81
CA VAL A 4 5.11 -1.72 -1.61
C VAL A 4 3.90 -1.62 -0.65
N ASP A 5 3.09 -2.67 -0.63
CA ASP A 5 1.86 -2.67 0.18
C ASP A 5 1.83 -3.86 1.16
N ALA A 6 2.40 -3.66 2.34
CA ALA A 6 2.45 -4.75 3.33
C ALA A 6 1.40 -4.57 4.44
N ASN A 7 1.22 -3.34 4.93
CA ASN A 7 0.36 -3.11 6.09
C ASN A 7 -1.12 -2.96 5.72
N ASP A 8 -1.41 -2.12 4.75
CA ASP A 8 -2.80 -1.90 4.33
C ASP A 8 -3.10 -2.74 3.09
N HIS A 9 -3.88 -3.83 3.25
CA HIS A 9 -4.16 -4.70 2.12
C HIS A 9 -5.50 -5.44 2.24
N ASP A 10 -6.11 -5.45 3.42
CA ASP A 10 -7.35 -6.24 3.58
C ASP A 10 -8.55 -5.38 3.91
N GLN A 11 -8.34 -4.33 4.66
CA GLN A 11 -9.45 -3.45 5.06
C GLN A 11 -9.64 -2.36 4.03
N SER A 12 -8.58 -2.07 3.33
CA SER A 12 -8.58 -1.06 2.33
C SER A 12 -7.50 -1.37 1.32
N ARG A 13 -7.26 -0.46 0.40
CA ARG A 13 -6.19 -0.60 -0.55
C ARG A 13 -5.46 0.71 -0.67
N LYS A 14 -4.54 0.91 0.26
CA LYS A 14 -3.76 2.13 0.30
C LYS A 14 -2.50 1.96 -0.52
N SER A 15 -1.93 3.07 -0.94
CA SER A 15 -0.71 3.05 -1.71
C SER A 15 0.47 3.37 -0.81
N GLN A 16 1.63 3.60 -1.42
CA GLN A 16 2.85 3.91 -0.67
C GLN A 16 2.69 5.19 0.14
N GLN A 17 3.58 5.40 1.09
CA GLN A 17 3.48 6.55 1.97
C GLN A 17 4.73 7.41 1.83
N TYR A 18 4.63 8.45 1.02
CA TYR A 18 5.75 9.35 0.75
C TYR A 18 5.70 10.54 1.68
N THR A 1 7.60 4.80 -8.33
CA THR A 1 8.05 3.61 -9.06
C THR A 1 7.20 2.39 -8.69
N TYR A 2 7.40 1.86 -7.50
CA TYR A 2 6.65 0.71 -7.02
C TYR A 2 6.03 0.99 -5.65
N HIS A 3 4.86 0.41 -5.39
CA HIS A 3 4.24 0.54 -4.08
C HIS A 3 4.10 -0.86 -3.47
N VAL A 4 4.37 -0.98 -2.17
CA VAL A 4 4.31 -2.31 -1.54
C VAL A 4 3.36 -2.31 -0.35
N ASP A 5 2.26 -3.04 -0.49
CA ASP A 5 1.24 -3.12 0.54
C ASP A 5 1.57 -4.27 1.47
N ALA A 6 2.36 -4.00 2.49
CA ALA A 6 2.78 -5.07 3.40
C ALA A 6 1.78 -5.24 4.54
N ASN A 7 1.34 -4.15 5.15
CA ASN A 7 0.37 -4.27 6.23
C ASN A 7 -1.03 -3.89 5.76
N ASP A 8 -1.17 -2.71 5.17
CA ASP A 8 -2.46 -2.29 4.60
C ASP A 8 -2.68 -2.98 3.27
N HIS A 9 -3.31 -4.16 3.28
CA HIS A 9 -3.54 -4.91 2.05
C HIS A 9 -4.91 -5.57 2.00
N ASP A 10 -5.65 -5.49 3.10
CA ASP A 10 -6.95 -6.14 3.16
C ASP A 10 -8.08 -5.18 3.55
N GLN A 11 -7.80 -4.25 4.42
CA GLN A 11 -8.82 -3.28 4.81
C GLN A 11 -8.59 -1.94 4.13
N SER A 12 -7.44 -1.81 3.49
CA SER A 12 -7.08 -0.59 2.80
C SER A 12 -6.09 -0.89 1.68
N ARG A 13 -6.25 -0.23 0.54
CA ARG A 13 -5.33 -0.37 -0.57
C ARG A 13 -5.13 0.96 -1.27
N LYS A 14 -4.08 1.65 -0.89
CA LYS A 14 -3.75 2.94 -1.45
C LYS A 14 -2.25 3.06 -1.57
N SER A 15 -1.79 3.91 -2.47
CA SER A 15 -0.37 4.14 -2.62
C SER A 15 0.22 4.69 -1.31
N GLN A 16 1.19 3.95 -0.72
CA GLN A 16 1.82 4.36 0.55
C GLN A 16 2.28 5.83 0.48
N GLN A 17 2.02 6.59 1.55
CA GLN A 17 2.37 8.01 1.56
C GLN A 17 3.05 8.37 2.88
N TYR A 18 4.32 8.72 2.80
CA TYR A 18 5.07 9.12 3.97
C TYR A 18 4.85 10.59 4.24
N THR A 1 8.95 4.20 -6.25
CA THR A 1 8.98 3.80 -7.66
C THR A 1 7.85 2.82 -7.97
N TYR A 2 7.69 1.82 -7.10
CA TYR A 2 6.63 0.81 -7.28
C TYR A 2 5.67 0.91 -6.10
N HIS A 3 4.38 0.76 -6.34
CA HIS A 3 3.40 0.79 -5.23
C HIS A 3 3.54 -0.47 -4.40
N VAL A 4 3.46 -0.37 -3.08
CA VAL A 4 3.67 -1.53 -2.22
C VAL A 4 2.70 -1.52 -1.01
N ASP A 5 1.89 -2.57 -0.91
CA ASP A 5 0.95 -2.74 0.19
C ASP A 5 1.40 -3.92 1.04
N ALA A 6 2.17 -3.65 2.08
CA ALA A 6 2.74 -4.72 2.91
C ALA A 6 1.98 -4.96 4.22
N ASN A 7 1.55 -3.89 4.88
CA ASN A 7 0.88 -4.05 6.17
C ASN A 7 -0.63 -3.88 6.04
N ASP A 8 -1.07 -2.76 5.51
CA ASP A 8 -2.48 -2.53 5.28
C ASP A 8 -2.84 -2.97 3.86
N HIS A 9 -3.56 -4.09 3.74
CA HIS A 9 -3.93 -4.57 2.42
C HIS A 9 -5.22 -5.39 2.48
N ASP A 10 -5.86 -5.44 3.63
CA ASP A 10 -7.09 -6.24 3.76
C ASP A 10 -8.31 -5.34 3.93
N GLN A 11 -8.11 -4.15 4.44
CA GLN A 11 -9.20 -3.22 4.65
C GLN A 11 -9.06 -2.03 3.71
N SER A 12 -7.87 -1.87 3.17
CA SER A 12 -7.57 -0.79 2.29
C SER A 12 -6.44 -1.19 1.36
N ARG A 13 -6.49 -0.73 0.12
CA ARG A 13 -5.44 -0.99 -0.84
C ARG A 13 -4.97 0.31 -1.43
N LYS A 14 -4.06 0.96 -0.74
CA LYS A 14 -3.54 2.23 -1.17
C LYS A 14 -2.10 2.37 -0.71
N SER A 15 -1.22 2.69 -1.62
CA SER A 15 0.18 2.84 -1.30
C SER A 15 0.60 4.30 -1.55
N GLN A 16 1.84 4.61 -1.26
CA GLN A 16 2.33 5.96 -1.44
C GLN A 16 3.42 6.01 -2.52
N GLN A 17 3.30 6.95 -3.45
CA GLN A 17 4.24 7.07 -4.55
C GLN A 17 4.28 8.52 -5.03
N TYR A 18 5.48 9.08 -5.12
CA TYR A 18 5.64 10.44 -5.60
C TYR A 18 6.69 10.49 -6.70
N THR A 1 8.01 4.05 -10.26
CA THR A 1 7.82 4.02 -8.80
C THR A 1 7.40 2.63 -8.34
N TYR A 2 7.48 2.39 -7.05
CA TYR A 2 7.11 1.08 -6.49
C TYR A 2 6.07 1.25 -5.40
N HIS A 3 5.12 0.33 -5.35
CA HIS A 3 4.05 0.43 -4.33
C HIS A 3 4.35 -0.51 -3.16
N VAL A 4 4.19 -0.03 -1.93
CA VAL A 4 4.45 -0.88 -0.76
C VAL A 4 3.23 -0.88 0.18
N ASP A 5 2.48 -1.97 0.14
CA ASP A 5 1.28 -2.15 0.96
C ASP A 5 1.16 -3.62 1.38
N ALA A 6 1.88 -4.00 2.40
CA ALA A 6 1.90 -5.42 2.83
C ALA A 6 1.05 -5.69 4.07
N ASN A 7 0.78 -4.65 4.85
CA ASN A 7 0.09 -4.85 6.13
C ASN A 7 -1.42 -4.61 6.07
N ASP A 8 -1.84 -3.54 5.43
CA ASP A 8 -3.26 -3.20 5.39
C ASP A 8 -3.82 -3.24 3.97
N HIS A 9 -3.35 -4.18 3.18
CA HIS A 9 -3.82 -4.25 1.79
C HIS A 9 -5.07 -5.11 1.69
N ASP A 10 -5.54 -5.58 2.81
CA ASP A 10 -6.75 -6.40 2.84
C ASP A 10 -7.88 -5.64 3.48
N GLN A 11 -7.54 -4.58 4.21
CA GLN A 11 -8.57 -3.76 4.85
C GLN A 11 -8.68 -2.42 4.14
N SER A 12 -7.69 -2.11 3.32
CA SER A 12 -7.65 -0.89 2.58
C SER A 12 -6.80 -1.08 1.33
N ARG A 13 -6.73 -0.07 0.50
CA ARG A 13 -5.95 -0.15 -0.72
C ARG A 13 -5.27 1.18 -0.98
N LYS A 14 -4.13 1.38 -0.37
CA LYS A 14 -3.38 2.61 -0.53
C LYS A 14 -1.89 2.36 -0.39
N SER A 15 -1.17 2.48 -1.48
CA SER A 15 0.26 2.29 -1.45
C SER A 15 0.97 3.64 -1.49
N GLN A 16 1.80 3.91 -0.49
CA GLN A 16 2.52 5.16 -0.44
C GLN A 16 3.93 4.96 0.08
N GLN A 17 4.74 6.00 -0.04
CA GLN A 17 6.13 5.97 0.42
C GLN A 17 6.57 7.40 0.66
N TYR A 18 5.83 8.12 1.47
CA TYR A 18 6.14 9.49 1.78
C TYR A 18 6.17 9.68 3.28
N THR A 1 9.52 4.97 -7.98
CA THR A 1 8.80 4.21 -9.00
C THR A 1 8.24 2.90 -8.42
N TYR A 2 8.30 2.75 -7.09
CA TYR A 2 7.86 1.50 -6.45
C TYR A 2 6.57 1.71 -5.66
N HIS A 3 5.57 0.88 -5.91
CA HIS A 3 4.34 0.91 -5.14
C HIS A 3 4.13 -0.47 -4.48
N VAL A 4 3.86 -0.48 -3.18
CA VAL A 4 3.73 -1.76 -2.45
C VAL A 4 2.65 -1.65 -1.36
N ASP A 5 1.86 -2.70 -1.23
CA ASP A 5 0.80 -2.74 -0.21
C ASP A 5 1.20 -3.74 0.86
N ALA A 6 2.01 -3.32 1.80
CA ALA A 6 2.53 -4.24 2.83
C ALA A 6 1.78 -4.15 4.16
N ASN A 7 1.26 -2.98 4.49
CA ASN A 7 0.62 -2.82 5.81
C ASN A 7 -0.87 -3.09 5.75
N ASP A 8 -1.54 -2.38 4.88
CA ASP A 8 -2.96 -2.56 4.70
C ASP A 8 -3.20 -3.33 3.40
N HIS A 9 -4.04 -4.36 3.45
CA HIS A 9 -4.28 -5.18 2.27
C HIS A 9 -5.72 -5.70 2.20
N ASP A 10 -6.43 -5.66 3.31
CA ASP A 10 -7.81 -6.15 3.32
C ASP A 10 -8.75 -5.07 3.84
N GLN A 11 -8.34 -4.40 4.90
CA GLN A 11 -9.14 -3.32 5.49
C GLN A 11 -9.04 -2.09 4.60
N SER A 12 -7.91 -1.99 3.92
CA SER A 12 -7.62 -0.91 3.03
C SER A 12 -6.65 -1.40 1.98
N ARG A 13 -6.60 -0.70 0.87
CA ARG A 13 -5.66 -1.02 -0.19
C ARG A 13 -5.08 0.26 -0.72
N LYS A 14 -4.07 0.76 -0.05
CA LYS A 14 -3.42 1.97 -0.47
C LYS A 14 -1.90 1.84 -0.31
N SER A 15 -1.20 1.82 -1.42
CA SER A 15 0.26 1.69 -1.38
C SER A 15 0.89 2.94 -0.75
N GLN A 16 2.13 2.81 -0.36
CA GLN A 16 2.88 3.91 0.25
C GLN A 16 4.38 3.63 0.14
N GLN A 17 4.96 4.08 -0.97
CA GLN A 17 6.35 3.87 -1.23
C GLN A 17 6.76 4.76 -2.39
N TYR A 18 8.01 5.15 -2.42
CA TYR A 18 8.51 6.02 -3.45
C TYR A 18 9.21 5.22 -4.54
N THR A 1 6.53 4.64 -10.24
CA THR A 1 6.60 4.48 -8.80
C THR A 1 6.62 2.99 -8.43
N TYR A 2 7.36 2.62 -7.39
CA TYR A 2 7.42 1.20 -6.95
C TYR A 2 6.23 0.87 -6.07
N HIS A 3 5.57 -0.26 -6.34
CA HIS A 3 4.41 -0.66 -5.55
C HIS A 3 4.86 -1.31 -4.23
N VAL A 4 4.26 -0.90 -3.12
CA VAL A 4 4.64 -1.43 -1.80
C VAL A 4 3.50 -1.28 -0.78
N ASP A 5 2.89 -2.40 -0.43
CA ASP A 5 1.85 -2.42 0.58
C ASP A 5 1.93 -3.69 1.42
N ALA A 6 2.51 -3.58 2.61
CA ALA A 6 2.63 -4.76 3.47
C ALA A 6 1.44 -4.87 4.42
N ASN A 7 0.84 -3.72 4.74
CA ASN A 7 -0.31 -3.73 5.66
C ASN A 7 -1.63 -3.57 4.93
N ASP A 8 -1.74 -2.51 4.14
CA ASP A 8 -2.98 -2.22 3.42
C ASP A 8 -3.19 -3.19 2.26
N HIS A 9 -4.03 -4.21 2.46
CA HIS A 9 -4.32 -5.12 1.38
C HIS A 9 -5.73 -5.68 1.51
N ASP A 10 -6.25 -5.74 2.74
CA ASP A 10 -7.59 -6.31 2.96
C ASP A 10 -8.51 -5.38 3.74
N GLN A 11 -7.93 -4.56 4.62
CA GLN A 11 -8.72 -3.64 5.41
C GLN A 11 -8.82 -2.32 4.69
N SER A 12 -7.71 -1.91 4.13
CA SER A 12 -7.62 -0.72 3.35
C SER A 12 -6.72 -1.01 2.18
N ARG A 13 -6.75 -0.16 1.20
CA ARG A 13 -5.92 -0.34 0.02
C ARG A 13 -5.40 0.99 -0.44
N LYS A 14 -4.17 1.02 -0.89
CA LYS A 14 -3.55 2.25 -1.30
C LYS A 14 -2.71 2.07 -2.55
N SER A 15 -2.92 2.94 -3.51
CA SER A 15 -2.10 2.94 -4.70
C SER A 15 -0.90 3.83 -4.42
N GLN A 16 0.31 3.34 -4.67
CA GLN A 16 1.52 4.11 -4.35
C GLN A 16 1.56 5.45 -5.07
N GLN A 17 1.22 6.52 -4.33
CA GLN A 17 1.21 7.86 -4.86
C GLN A 17 2.00 8.75 -3.94
N TYR A 18 3.28 8.90 -4.21
CA TYR A 18 4.15 9.68 -3.38
C TYR A 18 4.95 10.64 -4.24
N THR A 1 9.51 4.21 -9.55
CA THR A 1 8.24 4.28 -8.81
C THR A 1 7.72 2.85 -8.47
N TYR A 2 7.80 2.46 -7.21
CA TYR A 2 7.35 1.13 -6.79
C TYR A 2 6.38 1.24 -5.62
N HIS A 3 5.23 0.57 -5.73
CA HIS A 3 4.25 0.60 -4.65
C HIS A 3 4.18 -0.77 -3.98
N VAL A 4 3.90 -0.79 -2.69
CA VAL A 4 3.86 -2.04 -1.93
C VAL A 4 2.81 -1.93 -0.80
N ASP A 5 1.85 -2.85 -0.80
CA ASP A 5 0.75 -2.82 0.18
C ASP A 5 0.75 -4.09 1.01
N ALA A 6 1.60 -4.12 2.04
CA ALA A 6 1.75 -5.32 2.88
C ALA A 6 1.06 -5.19 4.24
N ASN A 7 0.97 -3.99 4.77
CA ASN A 7 0.51 -3.80 6.18
C ASN A 7 -1.00 -3.84 6.35
N ASP A 8 -1.70 -3.01 5.63
CA ASP A 8 -3.15 -2.93 5.77
C ASP A 8 -3.84 -3.31 4.46
N HIS A 9 -3.33 -4.39 3.87
CA HIS A 9 -3.75 -4.84 2.53
C HIS A 9 -5.14 -5.43 2.52
N ASP A 10 -5.63 -5.88 3.67
CA ASP A 10 -6.97 -6.50 3.70
C ASP A 10 -8.01 -5.51 4.17
N GLN A 11 -7.58 -4.32 4.52
CA GLN A 11 -8.51 -3.29 4.93
C GLN A 11 -8.57 -2.14 3.93
N SER A 12 -7.43 -1.72 3.41
CA SER A 12 -7.38 -0.65 2.44
C SER A 12 -6.30 -0.92 1.40
N ARG A 13 -6.53 -0.48 0.18
CA ARG A 13 -5.54 -0.63 -0.89
C ARG A 13 -5.11 0.75 -1.39
N LYS A 14 -3.92 1.16 -0.98
CA LYS A 14 -3.39 2.47 -1.32
C LYS A 14 -1.87 2.38 -1.46
N SER A 15 -1.28 3.38 -2.10
CA SER A 15 0.16 3.46 -2.23
C SER A 15 0.77 4.05 -0.96
N GLN A 16 2.06 3.83 -0.75
CA GLN A 16 2.74 4.36 0.44
C GLN A 16 2.63 5.89 0.45
N GLN A 17 2.47 6.48 1.62
CA GLN A 17 2.34 7.93 1.72
C GLN A 17 3.28 8.49 2.77
N TYR A 18 4.38 9.06 2.32
CA TYR A 18 5.34 9.68 3.21
C TYR A 18 6.03 10.83 2.51
#